data_1O3P
#
_entry.id   1O3P
#
_cell.length_a   81.54
_cell.length_b   50.17
_cell.length_c   66.44
_cell.angle_alpha   90.0
_cell.angle_beta   113.49
_cell.angle_gamma   90.0
#
_symmetry.space_group_name_H-M   'C 1 2 1'
#
loop_
_entity.id
_entity.type
_entity.pdbx_description
1 polymer 'Urokinase-type plasminogen activator'
2 polymer 'Urokinase-type plasminogen activator'
3 non-polymer 'CITRIC ACID'
4 non-polymer 2-{5-[AMINO(IMINIO)METHYL]-1H-BENZIMIDAZOL-2-YL}-6-(CYCLOPENTYLOXY)BENZENOLATE
5 water water
#
loop_
_entity_poly.entity_id
_entity_poly.type
_entity_poly.pdbx_seq_one_letter_code
_entity_poly.pdbx_strand_id
1 'polypeptide(L)' KPSSPPEELKFQCGQKTLRPRFK A
2 'polypeptide(L)'
;IIGGEFTTIENQPWFAAIYRRHRGGSVTYVCGGSLMSPCWVISATHCFIDYPKKEDYIVYLGRSRLNSNTQGEMKFEVEN
LILHKDYSADTLAHHNDIALLKIRSKEGRCAQPSRTIQTICLPSMYNDPQFGTSCEITGFGKEASTDYLYPEQLKMTVVK
LISHRECQQPHYYGSEVTTKMLCAADPQWKTDSCQGDSGGPLVCSLQGRMTLTGIVSWGRGCALKDKPGVYTRVSHFLPW
IRSHTKEENGLAL
;
B
#
loop_
_chem_comp.id
_chem_comp.type
_chem_comp.name
_chem_comp.formula
655 non-polymer 2-{5-[AMINO(IMINIO)METHYL]-1H-BENZIMIDAZOL-2-YL}-6-(CYCLOPENTYLOXY)BENZENOLATE 'C19 H20 N4 O2'
CIT non-polymer 'CITRIC ACID' 'C6 H8 O7'
#
# COMPACT_ATOMS: atom_id res chain seq x y z
N LEU A 9 -18.63 15.21 -1.56
CA LEU A 9 -18.75 16.62 -1.12
C LEU A 9 -17.35 16.94 -0.58
N LYS A 10 -17.01 16.59 0.63
CA LYS A 10 -15.67 16.85 1.22
C LYS A 10 -15.20 15.43 1.56
N PHE A 11 -14.00 15.24 1.99
CA PHE A 11 -13.53 13.88 2.31
C PHE A 11 -13.92 13.43 3.70
N GLN A 12 -14.26 12.18 3.84
CA GLN A 12 -14.64 11.57 5.14
C GLN A 12 -13.74 10.36 5.05
N CYS A 13 -12.57 10.44 5.59
CA CYS A 13 -11.60 9.32 5.55
C CYS A 13 -12.26 8.01 5.91
N GLY A 14 -11.93 6.92 5.27
CA GLY A 14 -12.57 5.64 5.66
C GLY A 14 -13.89 5.35 5.01
N GLN A 15 -14.62 6.30 4.50
CA GLN A 15 -15.93 5.98 3.88
C GLN A 15 -15.99 5.55 2.41
N LYS A 16 -16.76 4.53 2.15
CA LYS A 16 -16.95 4.00 0.77
C LYS A 16 -18.33 4.60 0.51
N ILE B 1 -2.12 -10.02 -6.13
CA ILE B 1 -2.82 -10.63 -4.96
C ILE B 1 -3.06 -12.06 -5.43
N ILE B 2 -2.91 -13.03 -4.57
CA ILE B 2 -3.11 -14.46 -4.90
C ILE B 2 -4.50 -14.63 -4.33
N GLY B 3 -5.49 -15.05 -5.05
CA GLY B 3 -6.81 -15.21 -4.43
C GLY B 3 -7.48 -13.86 -4.40
N GLY B 4 -8.49 -13.70 -3.61
CA GLY B 4 -9.14 -12.40 -3.57
C GLY B 4 -10.18 -12.40 -4.64
N GLU B 5 -10.75 -11.27 -4.91
CA GLU B 5 -11.78 -11.16 -5.95
C GLU B 5 -11.32 -9.99 -6.76
N PHE B 6 -12.03 -9.70 -7.80
CA PHE B 6 -11.65 -8.55 -8.62
C PHE B 6 -12.57 -7.51 -8.03
N THR B 7 -12.19 -6.29 -7.98
CA THR B 7 -13.04 -5.21 -7.40
C THR B 7 -12.95 -3.98 -8.32
N THR B 8 -13.57 -2.93 -7.88
CA THR B 8 -13.58 -1.67 -8.63
C THR B 8 -13.01 -0.70 -7.64
N ILE B 9 -12.60 0.41 -8.09
CA ILE B 9 -12.03 1.42 -7.20
C ILE B 9 -13.13 1.92 -6.26
N GLU B 10 -14.41 1.80 -6.54
CA GLU B 10 -15.42 2.33 -5.55
C GLU B 10 -15.30 1.52 -4.27
N ASN B 11 -14.70 0.37 -4.31
CA ASN B 11 -14.58 -0.43 -3.07
C ASN B 11 -13.28 -0.09 -2.36
N GLN B 12 -12.43 0.69 -2.95
CA GLN B 12 -11.13 1.07 -2.30
C GLN B 12 -10.77 2.47 -2.72
N PRO B 13 -11.63 3.41 -2.53
CA PRO B 13 -11.50 4.75 -3.20
C PRO B 13 -10.22 5.51 -2.74
N TRP B 14 -9.45 4.96 -1.86
CA TRP B 14 -8.20 5.63 -1.37
C TRP B 14 -7.04 4.92 -1.97
N PHE B 15 -7.22 3.96 -2.82
CA PHE B 15 -6.04 3.29 -3.38
C PHE B 15 -5.49 4.16 -4.55
N ALA B 16 -4.19 4.33 -4.61
CA ALA B 16 -3.52 5.12 -5.64
C ALA B 16 -2.61 4.19 -6.41
N ALA B 17 -2.52 4.42 -7.71
CA ALA B 17 -1.70 3.62 -8.67
C ALA B 17 -0.57 4.56 -9.12
N ILE B 18 0.64 4.18 -8.85
CA ILE B 18 1.85 4.95 -9.19
C ILE B 18 2.61 4.31 -10.34
N TYR B 19 2.88 5.07 -11.35
CA TYR B 19 3.60 4.56 -12.56
C TYR B 19 4.87 5.32 -12.79
N ARG B 20 5.78 4.81 -13.58
CA ARG B 20 7.05 5.48 -13.88
C ARG B 20 7.08 5.66 -15.41
N ARG B 21 7.54 6.75 -15.93
CA ARG B 21 7.57 6.95 -17.41
C ARG B 21 8.92 6.55 -17.93
N HIS B 22 9.05 6.16 -19.15
CA HIS B 22 10.36 5.75 -19.70
C HIS B 22 10.62 6.55 -20.96
N ARG B 23 11.82 6.67 -21.42
CA ARG B 23 12.05 7.45 -22.66
C ARG B 23 11.67 6.31 -23.59
N GLY B 24 10.92 6.55 -24.61
CA GLY B 24 10.53 5.45 -25.51
C GLY B 24 9.03 5.61 -25.56
N GLY B 25 8.37 5.90 -24.46
CA GLY B 25 6.88 6.07 -24.52
C GLY B 25 6.16 5.17 -23.53
N SER B 26 6.75 4.13 -23.01
CA SER B 26 5.94 3.32 -22.07
C SER B 26 5.94 3.95 -20.68
N VAL B 27 4.97 3.64 -19.88
CA VAL B 27 4.87 4.17 -18.50
C VAL B 27 4.65 2.77 -17.88
N THR B 28 5.27 2.38 -16.81
CA THR B 28 5.01 1.02 -16.27
C THR B 28 4.50 1.18 -14.83
N TYR B 29 3.89 0.19 -14.25
CA TYR B 29 3.37 0.28 -12.85
C TYR B 29 4.55 0.00 -11.95
N VAL B 30 4.61 0.73 -10.89
CA VAL B 30 5.68 0.64 -9.85
C VAL B 30 5.08 0.04 -8.55
N CYS B 31 4.24 0.79 -7.89
CA CYS B 31 3.62 0.32 -6.64
C CYS B 31 2.26 0.94 -6.40
N GLY B 32 1.63 0.47 -5.35
CA GLY B 32 0.32 0.94 -4.93
C GLY B 32 0.61 2.03 -3.88
N GLY B 33 -0.38 2.69 -3.34
CA GLY B 33 -0.19 3.76 -2.29
C GLY B 33 -1.59 4.05 -1.80
N SER B 34 -1.80 4.91 -0.83
CA SER B 34 -3.19 5.20 -0.36
C SER B 34 -3.25 6.72 -0.18
N LEU B 35 -4.38 7.35 -0.30
CA LEU B 35 -4.51 8.82 -0.14
C LEU B 35 -4.76 9.07 1.35
N MET B 36 -4.04 9.96 2.00
CA MET B 36 -4.26 10.23 3.46
C MET B 36 -4.97 11.57 3.57
N SER B 37 -4.60 12.54 2.79
CA SER B 37 -5.25 13.86 2.81
C SER B 37 -5.27 14.28 1.31
N PRO B 38 -5.96 15.31 0.92
CA PRO B 38 -6.04 15.72 -0.50
C PRO B 38 -4.68 15.75 -1.22
N CYS B 39 -3.64 16.29 -0.64
CA CYS B 39 -2.31 16.33 -1.32
C CYS B 39 -1.32 15.29 -0.89
N TRP B 40 -1.64 14.32 -0.09
CA TRP B 40 -0.58 13.36 0.28
C TRP B 40 -0.97 11.93 0.07
N VAL B 41 -0.10 11.15 -0.51
CA VAL B 41 -0.34 9.70 -0.77
C VAL B 41 0.78 9.03 0.06
N ILE B 42 0.59 7.88 0.64
CA ILE B 42 1.69 7.26 1.42
C ILE B 42 1.91 5.94 0.66
N SER B 43 3.14 5.52 0.52
CA SER B 43 3.51 4.25 -0.19
C SER B 43 4.75 3.66 0.51
N ALA B 44 5.57 2.94 -0.20
CA ALA B 44 6.78 2.34 0.40
C ALA B 44 8.12 2.82 -0.15
N THR B 45 9.05 3.28 0.64
CA THR B 45 10.38 3.74 0.14
C THR B 45 11.06 2.71 -0.81
N HIS B 46 11.04 1.41 -0.60
CA HIS B 46 11.74 0.54 -1.58
C HIS B 46 11.15 0.69 -2.97
N CYS B 47 9.99 1.25 -3.13
CA CYS B 47 9.40 1.38 -4.50
C CYS B 47 10.10 2.51 -5.25
N PHE B 48 10.68 3.46 -4.54
CA PHE B 48 11.36 4.60 -5.20
C PHE B 48 12.86 4.53 -5.09
N ILE B 49 13.36 3.85 -4.11
CA ILE B 49 14.82 3.69 -3.88
C ILE B 49 15.71 3.52 -5.10
N ASP B 50 15.41 2.68 -6.05
CA ASP B 50 16.34 2.57 -7.21
C ASP B 50 16.07 3.58 -8.30
N TYR B 51 15.28 4.59 -8.09
CA TYR B 51 15.04 5.58 -9.17
C TYR B 51 14.36 6.75 -8.47
N PRO B 52 15.04 7.48 -7.61
CA PRO B 52 14.43 8.59 -6.86
C PRO B 52 14.28 9.87 -7.70
N LYS B 53 13.80 9.77 -8.90
CA LYS B 53 13.61 10.95 -9.79
C LYS B 53 12.11 11.28 -9.80
N LYS B 54 11.60 11.96 -8.81
CA LYS B 54 10.16 12.32 -8.74
C LYS B 54 9.51 12.77 -10.06
N GLU B 55 10.20 13.44 -10.95
CA GLU B 55 9.54 13.87 -12.24
C GLU B 55 9.22 12.70 -13.18
N ASP B 56 9.63 11.51 -12.87
CA ASP B 56 9.33 10.40 -13.79
C ASP B 56 8.20 9.58 -13.25
N TYR B 57 7.53 9.96 -12.20
CA TYR B 57 6.42 9.08 -11.72
C TYR B 57 5.09 9.78 -11.96
N ILE B 58 4.04 9.04 -12.11
CA ILE B 58 2.70 9.62 -12.33
C ILE B 58 1.83 8.95 -11.26
N VAL B 59 0.93 9.63 -10.63
CA VAL B 59 0.08 9.01 -9.61
C VAL B 59 -1.34 9.18 -10.16
N TYR B 60 -2.14 8.14 -10.10
CA TYR B 60 -3.53 8.17 -10.58
C TYR B 60 -4.41 7.76 -9.41
N LEU B 61 -5.51 8.43 -9.27
CA LEU B 61 -6.51 8.18 -8.21
C LEU B 61 -7.75 7.80 -9.04
N GLY B 62 -8.66 7.02 -8.54
CA GLY B 62 -9.89 6.60 -9.25
C GLY B 62 -9.61 5.60 -10.38
N ARG B 63 -8.67 4.70 -10.28
CA ARG B 63 -8.37 3.75 -11.37
C ARG B 63 -8.73 2.30 -11.03
N SER B 64 -9.63 1.66 -11.74
CA SER B 64 -9.99 0.23 -11.42
C SER B 64 -9.19 -0.66 -12.35
N ARG B 65 -8.60 -0.15 -13.38
CA ARG B 65 -7.82 -1.03 -14.28
C ARG B 65 -6.46 -0.45 -14.33
N LEU B 66 -5.54 -1.29 -14.67
CA LEU B 66 -4.13 -0.94 -14.77
C LEU B 66 -3.67 -0.18 -16.00
N ASN B 67 -3.97 -0.61 -17.20
CA ASN B 67 -3.49 0.16 -18.40
C ASN B 67 -4.58 0.80 -19.19
N SER B 68 -5.83 0.62 -18.86
CA SER B 68 -6.92 1.26 -19.62
C SER B 68 -7.43 2.28 -18.63
N ASN B 69 -8.18 3.27 -19.04
CA ASN B 69 -8.68 4.31 -18.10
C ASN B 69 -10.04 4.00 -17.50
N THR B 70 -10.35 4.64 -16.40
CA THR B 70 -11.61 4.51 -15.64
C THR B 70 -12.16 5.92 -15.76
N GLN B 71 -13.45 6.08 -15.83
CA GLN B 71 -14.04 7.42 -15.96
C GLN B 71 -13.97 7.93 -14.53
N GLY B 72 -13.53 9.14 -14.32
CA GLY B 72 -13.45 9.71 -12.96
C GLY B 72 -12.04 9.73 -12.48
N GLU B 73 -11.12 9.05 -13.11
CA GLU B 73 -9.70 9.05 -12.61
C GLU B 73 -9.03 10.41 -12.62
N MET B 74 -8.06 10.62 -11.79
CA MET B 74 -7.36 11.93 -11.74
C MET B 74 -5.92 11.57 -11.90
N LYS B 75 -5.15 12.36 -12.57
CA LYS B 75 -3.69 12.13 -12.83
C LYS B 75 -2.87 13.19 -12.05
N PHE B 76 -1.74 12.87 -11.45
CA PHE B 76 -0.95 13.90 -10.70
C PHE B 76 0.49 13.69 -10.93
N GLU B 77 1.22 14.72 -10.63
CA GLU B 77 2.70 14.72 -10.76
C GLU B 77 3.09 14.62 -9.28
N VAL B 78 4.29 14.18 -9.02
CA VAL B 78 4.81 14.04 -7.64
C VAL B 78 5.55 15.37 -7.40
N GLU B 79 5.01 16.19 -6.54
CA GLU B 79 5.61 17.52 -6.21
C GLU B 79 6.71 17.27 -5.20
N ASN B 80 6.52 16.46 -4.20
CA ASN B 80 7.63 16.22 -3.21
C ASN B 80 7.64 14.72 -3.07
N LEU B 81 8.76 14.11 -2.84
CA LEU B 81 8.88 12.64 -2.69
C LEU B 81 9.67 12.58 -1.42
N ILE B 82 9.13 12.09 -0.34
CA ILE B 82 9.89 12.02 0.93
C ILE B 82 10.15 10.54 1.19
N LEU B 83 11.36 10.11 1.16
CA LEU B 83 11.70 8.69 1.40
C LEU B 83 12.08 8.66 2.87
N HIS B 84 12.23 7.51 3.46
CA HIS B 84 12.59 7.46 4.92
C HIS B 84 14.07 7.36 5.16
N LYS B 85 14.60 8.29 5.90
CA LYS B 85 16.04 8.30 6.24
C LYS B 85 16.05 7.17 7.28
N ASP B 86 16.81 6.17 7.14
CA ASP B 86 17.02 4.98 7.96
C ASP B 86 16.27 3.86 7.26
N TYR B 87 16.17 3.88 5.97
CA TYR B 87 15.46 2.82 5.23
C TYR B 87 16.55 1.77 5.01
N SER B 88 16.37 0.52 5.25
CA SER B 88 17.47 -0.45 4.99
C SER B 88 16.82 -1.70 4.47
N ALA B 89 17.50 -2.51 3.75
CA ALA B 89 16.89 -3.74 3.22
C ALA B 89 17.92 -4.78 3.57
N ASP B 90 17.53 -5.98 3.78
CA ASP B 90 18.50 -7.05 4.11
C ASP B 90 18.04 -8.16 3.23
N THR B 91 18.46 -9.36 3.45
CA THR B 91 18.03 -10.47 2.61
C THR B 91 16.57 -10.83 2.97
N LEU B 92 15.60 -10.04 2.57
CA LEU B 92 14.12 -10.23 2.82
C LEU B 92 13.39 -9.01 3.31
N ALA B 93 13.77 -8.51 4.44
CA ALA B 93 13.07 -7.34 4.98
C ALA B 93 13.59 -5.97 4.60
N HIS B 94 12.72 -5.04 4.71
CA HIS B 94 12.98 -3.62 4.41
C HIS B 94 12.63 -3.04 5.76
N HIS B 95 13.37 -2.12 6.28
CA HIS B 95 13.06 -1.53 7.60
C HIS B 95 12.64 -0.12 7.29
N ASN B 96 11.77 0.49 8.05
CA ASN B 96 11.30 1.90 7.79
C ASN B 96 10.87 2.04 6.34
N ASP B 97 10.07 1.13 5.89
CA ASP B 97 9.60 1.14 4.48
C ASP B 97 8.32 1.90 4.34
N ILE B 98 8.41 3.19 4.46
CA ILE B 98 7.23 4.09 4.34
C ILE B 98 7.68 5.29 3.50
N ALA B 99 6.86 5.97 2.72
CA ALA B 99 7.34 7.14 1.92
C ALA B 99 6.16 8.06 1.74
N LEU B 100 6.34 9.31 1.42
CA LEU B 100 5.17 10.21 1.23
C LEU B 100 5.31 10.86 -0.11
N LEU B 101 4.28 11.03 -0.88
CA LEU B 101 4.45 11.68 -2.20
C LEU B 101 3.50 12.84 -2.11
N LYS B 102 3.86 14.03 -2.47
CA LYS B 102 2.88 15.14 -2.36
C LYS B 102 2.45 15.20 -3.84
N ILE B 103 1.19 15.15 -4.15
CA ILE B 103 0.74 15.19 -5.56
C ILE B 103 0.23 16.55 -6.05
N ARG B 104 0.38 16.90 -7.29
CA ARG B 104 -0.13 18.21 -7.79
C ARG B 104 -0.72 17.83 -9.16
N SER B 105 -1.84 18.35 -9.56
CA SER B 105 -2.40 17.98 -10.89
C SER B 105 -1.82 19.01 -11.88
N LYS B 106 -1.90 18.83 -13.16
CA LYS B 106 -1.33 19.84 -14.10
C LYS B 106 -2.03 21.18 -13.93
N GLU B 107 -3.10 21.24 -13.21
CA GLU B 107 -3.81 22.53 -13.02
C GLU B 107 -3.42 23.10 -11.64
N GLY B 108 -2.50 22.51 -10.91
CA GLY B 108 -2.10 23.04 -9.58
C GLY B 108 -2.98 22.53 -8.48
N ARG B 109 -3.78 21.53 -8.66
CA ARG B 109 -4.63 21.08 -7.52
C ARG B 109 -4.27 19.74 -6.95
N CYS B 110 -4.91 19.38 -5.88
CA CYS B 110 -4.68 18.10 -5.18
C CYS B 110 -5.88 17.21 -5.49
N ALA B 111 -6.09 16.11 -4.81
CA ALA B 111 -7.27 15.20 -5.11
C ALA B 111 -8.58 15.88 -4.81
N GLN B 112 -9.67 15.44 -5.38
CA GLN B 112 -11.02 16.06 -5.13
C GLN B 112 -11.93 14.89 -4.76
N PRO B 113 -12.89 15.00 -3.88
CA PRO B 113 -13.61 13.79 -3.37
C PRO B 113 -14.59 13.32 -4.42
N SER B 114 -14.78 12.06 -4.63
CA SER B 114 -15.75 11.62 -5.66
C SER B 114 -16.21 10.30 -5.09
N ARG B 115 -16.84 9.49 -5.88
CA ARG B 115 -17.31 8.17 -5.39
C ARG B 115 -16.17 7.25 -5.69
N THR B 116 -15.12 7.69 -6.34
CA THR B 116 -13.98 6.80 -6.63
C THR B 116 -12.71 7.33 -5.99
N ILE B 117 -12.75 8.45 -5.31
CA ILE B 117 -11.57 9.07 -4.64
C ILE B 117 -11.95 9.46 -3.19
N GLN B 118 -11.41 8.81 -2.17
CA GLN B 118 -11.72 9.11 -0.71
C GLN B 118 -10.40 8.95 0.11
N THR B 119 -10.22 9.54 1.27
CA THR B 119 -8.93 9.33 1.99
C THR B 119 -9.12 8.14 2.90
N ILE B 120 -8.11 7.58 3.46
CA ILE B 120 -8.27 6.44 4.36
C ILE B 120 -7.84 7.10 5.69
N CYS B 121 -8.21 6.55 6.80
CA CYS B 121 -7.84 7.15 8.09
C CYS B 121 -6.54 6.61 8.63
N LEU B 122 -5.87 7.36 9.45
CA LEU B 122 -4.56 6.92 10.05
C LEU B 122 -4.96 6.40 11.40
N PRO B 123 -4.22 5.48 11.93
CA PRO B 123 -4.45 5.06 13.34
C PRO B 123 -4.01 6.14 14.32
N SER B 124 -4.20 5.91 15.59
CA SER B 124 -3.77 6.91 16.61
C SER B 124 -2.42 6.35 17.02
N MET B 125 -1.56 7.18 17.53
CA MET B 125 -0.21 6.78 17.99
C MET B 125 -0.14 5.36 18.50
N TYR B 126 0.76 4.57 18.00
CA TYR B 126 0.96 3.14 18.39
C TYR B 126 -0.32 2.39 18.74
N ASN B 127 -1.45 2.59 18.13
CA ASN B 127 -2.68 1.79 18.51
C ASN B 127 -2.95 0.84 17.34
N ASP B 128 -3.07 -0.44 17.52
CA ASP B 128 -3.33 -1.39 16.37
C ASP B 128 -4.56 -2.25 16.67
N PRO B 129 -5.18 -2.88 15.69
CA PRO B 129 -6.16 -3.98 15.93
C PRO B 129 -5.51 -5.14 16.70
N GLN B 130 -6.26 -6.10 17.17
CA GLN B 130 -5.63 -7.23 17.92
C GLN B 130 -5.32 -8.27 16.89
N PHE B 131 -4.44 -9.21 17.14
CA PHE B 131 -4.15 -10.25 16.10
C PHE B 131 -5.49 -10.95 15.89
N GLY B 132 -5.80 -11.49 14.74
CA GLY B 132 -7.11 -12.18 14.56
C GLY B 132 -7.92 -11.25 13.69
N THR B 133 -7.91 -9.97 13.92
CA THR B 133 -8.70 -9.04 13.05
C THR B 133 -8.52 -9.36 11.55
N SER B 134 -9.57 -9.28 10.79
CA SER B 134 -9.50 -9.57 9.33
C SER B 134 -9.32 -8.19 8.78
N CYS B 135 -8.35 -8.00 7.93
CA CYS B 135 -8.08 -6.68 7.34
C CYS B 135 -8.09 -6.94 5.84
N GLU B 136 -8.20 -5.97 4.99
CA GLU B 136 -8.21 -6.29 3.53
C GLU B 136 -7.07 -5.61 2.89
N ILE B 137 -6.49 -6.22 1.89
CA ILE B 137 -5.36 -5.63 1.17
C ILE B 137 -5.87 -5.53 -0.27
N THR B 138 -5.38 -4.61 -1.07
CA THR B 138 -5.83 -4.46 -2.48
C THR B 138 -4.65 -4.07 -3.41
N GLY B 139 -4.74 -4.17 -4.72
CA GLY B 139 -3.61 -3.78 -5.57
C GLY B 139 -3.61 -4.52 -6.89
N PHE B 140 -2.68 -4.20 -7.74
CA PHE B 140 -2.55 -4.83 -9.08
C PHE B 140 -1.39 -5.79 -9.12
N GLY B 141 -0.96 -6.37 -8.06
CA GLY B 141 0.22 -7.29 -8.17
C GLY B 141 -0.10 -8.67 -8.64
N LYS B 142 0.92 -9.42 -8.89
CA LYS B 142 0.84 -10.82 -9.38
C LYS B 142 -0.25 -11.70 -8.76
N GLU B 143 -0.76 -12.61 -9.55
CA GLU B 143 -1.82 -13.58 -9.18
C GLU B 143 -1.22 -14.91 -8.90
N ALA B 144 0.02 -15.12 -9.23
CA ALA B 144 0.70 -16.41 -8.96
C ALA B 144 2.14 -15.95 -8.92
N SER B 145 3.03 -16.47 -8.13
CA SER B 145 4.42 -15.98 -8.11
C SER B 145 5.10 -16.27 -9.44
N THR B 146 4.59 -17.14 -10.25
CA THR B 146 5.21 -17.47 -11.56
C THR B 146 4.74 -16.52 -12.66
N ASP B 147 3.83 -15.61 -12.43
CA ASP B 147 3.41 -14.72 -13.55
C ASP B 147 4.45 -13.68 -13.82
N TYR B 148 4.53 -13.16 -15.02
CA TYR B 148 5.54 -12.12 -15.33
C TYR B 148 4.71 -10.89 -15.71
N LEU B 149 3.40 -10.95 -15.66
CA LEU B 149 2.54 -9.76 -16.01
C LEU B 149 1.68 -9.52 -14.76
N TYR B 150 1.03 -8.40 -14.69
CA TYR B 150 0.15 -8.02 -13.55
C TYR B 150 -1.27 -8.05 -14.14
N PRO B 151 -2.30 -8.31 -13.35
CA PRO B 151 -3.68 -8.32 -13.88
C PRO B 151 -4.05 -6.92 -14.29
N GLU B 152 -5.04 -6.84 -15.09
CA GLU B 152 -5.51 -5.53 -15.57
C GLU B 152 -6.65 -5.10 -14.68
N GLN B 153 -7.23 -5.91 -13.83
CA GLN B 153 -8.37 -5.41 -12.99
C GLN B 153 -7.87 -5.42 -11.56
N LEU B 154 -8.34 -4.49 -10.80
CA LEU B 154 -7.95 -4.35 -9.38
C LEU B 154 -8.47 -5.52 -8.59
N LYS B 155 -7.67 -6.02 -7.68
CA LYS B 155 -8.06 -7.18 -6.83
C LYS B 155 -8.07 -6.77 -5.35
N MET B 156 -8.62 -7.59 -4.55
CA MET B 156 -8.69 -7.30 -3.11
C MET B 156 -8.77 -8.64 -2.45
N THR B 157 -8.40 -8.78 -1.21
CA THR B 157 -8.53 -10.11 -0.57
C THR B 157 -8.58 -9.77 0.93
N VAL B 158 -8.92 -10.71 1.77
CA VAL B 158 -9.00 -10.47 3.20
C VAL B 158 -7.89 -11.33 3.82
N VAL B 159 -7.21 -10.84 4.82
CA VAL B 159 -6.12 -11.65 5.45
C VAL B 159 -6.26 -11.35 6.95
N LYS B 160 -5.74 -12.13 7.87
CA LYS B 160 -5.90 -11.79 9.31
C LYS B 160 -4.58 -11.35 9.85
N LEU B 161 -4.59 -10.52 10.84
CA LEU B 161 -3.31 -10.04 11.45
C LEU B 161 -2.83 -11.18 12.34
N ILE B 162 -1.56 -11.50 12.42
CA ILE B 162 -1.12 -12.60 13.31
C ILE B 162 -0.25 -11.89 14.39
N SER B 163 0.22 -12.58 15.39
CA SER B 163 1.07 -11.95 16.47
C SER B 163 2.55 -11.90 16.14
N HIS B 164 3.32 -11.11 16.84
CA HIS B 164 4.77 -11.01 16.56
C HIS B 164 5.26 -12.33 17.05
N ARG B 165 4.83 -12.81 18.18
CA ARG B 165 5.30 -14.14 18.68
C ARG B 165 5.12 -15.17 17.57
N GLU B 166 4.02 -15.21 16.90
CA GLU B 166 3.85 -16.24 15.82
C GLU B 166 4.77 -15.97 14.63
N CYS B 167 4.88 -14.76 14.19
CA CYS B 167 5.75 -14.41 13.03
C CYS B 167 7.23 -14.51 13.34
N GLN B 168 7.64 -14.23 14.56
CA GLN B 168 9.08 -14.31 14.90
C GLN B 168 9.37 -15.73 15.23
N GLN B 169 8.54 -16.68 14.89
CA GLN B 169 8.98 -18.05 15.25
C GLN B 169 10.15 -18.36 14.29
N PRO B 170 11.16 -19.07 14.69
CA PRO B 170 12.32 -19.42 13.84
C PRO B 170 11.90 -19.97 12.49
N HIS B 171 10.92 -20.83 12.45
CA HIS B 171 10.49 -21.39 11.14
C HIS B 171 9.52 -20.47 10.37
N TYR B 172 9.49 -19.20 10.64
CA TYR B 172 8.59 -18.23 9.93
C TYR B 172 9.65 -17.20 9.50
N TYR B 173 9.80 -16.11 10.21
CA TYR B 173 10.83 -15.09 9.83
C TYR B 173 11.81 -14.83 10.99
N GLY B 174 11.64 -15.43 12.12
CA GLY B 174 12.59 -15.19 13.23
C GLY B 174 12.66 -13.71 13.51
N SER B 175 13.83 -13.19 13.71
CA SER B 175 14.04 -11.75 14.00
C SER B 175 14.07 -10.80 12.83
N GLU B 176 13.80 -11.29 11.65
CA GLU B 176 13.80 -10.38 10.47
C GLU B 176 12.62 -9.43 10.66
N VAL B 177 11.63 -9.85 11.41
CA VAL B 177 10.42 -9.04 11.68
C VAL B 177 10.62 -8.27 12.97
N THR B 178 10.38 -7.00 12.96
CA THR B 178 10.56 -6.19 14.19
C THR B 178 9.24 -5.56 14.70
N THR B 179 9.28 -4.85 15.78
CA THR B 179 8.12 -4.19 16.40
C THR B 179 7.52 -3.11 15.46
N LYS B 180 8.23 -2.73 14.43
CA LYS B 180 7.75 -1.69 13.47
C LYS B 180 7.11 -2.35 12.24
N MET B 181 6.92 -3.63 12.28
CA MET B 181 6.29 -4.38 11.17
C MET B 181 5.10 -5.19 11.74
N LEU B 182 4.21 -5.57 10.88
CA LEU B 182 3.00 -6.35 11.23
C LEU B 182 3.03 -7.49 10.25
N CYS B 183 2.50 -8.62 10.60
CA CYS B 183 2.44 -9.82 9.72
C CYS B 183 0.95 -10.12 9.61
N ALA B 184 0.50 -10.54 8.47
CA ALA B 184 -0.94 -10.84 8.29
C ALA B 184 -0.93 -12.05 7.39
N ALA B 185 -1.70 -13.07 7.58
CA ALA B 185 -1.68 -14.25 6.67
C ALA B 185 -3.09 -14.73 6.55
N ASP B 186 -3.28 -15.73 5.77
CA ASP B 186 -4.61 -16.29 5.55
C ASP B 186 -4.48 -17.52 6.40
N PRO B 187 -5.38 -17.80 7.30
CA PRO B 187 -5.43 -19.08 8.06
C PRO B 187 -4.99 -20.28 7.29
N GLN B 188 -5.48 -20.40 6.08
CA GLN B 188 -5.09 -21.58 5.26
C GLN B 188 -4.08 -21.19 4.21
N TRP B 189 -3.25 -20.22 4.45
CA TRP B 189 -2.21 -19.74 3.47
C TRP B 189 -2.71 -19.82 2.03
N LYS B 190 -3.88 -19.34 1.74
CA LYS B 190 -4.44 -19.39 0.35
C LYS B 190 -4.33 -18.05 -0.36
N THR B 191 -4.55 -16.95 0.31
CA THR B 191 -4.45 -15.64 -0.37
C THR B 191 -3.38 -14.79 0.31
N ASP B 192 -2.83 -13.82 -0.36
CA ASP B 192 -1.77 -12.98 0.25
C ASP B 192 -1.44 -11.87 -0.74
N SER B 193 -0.48 -11.07 -0.39
CA SER B 193 -0.02 -9.96 -1.24
C SER B 193 1.16 -10.57 -2.00
N CYS B 194 1.54 -10.02 -3.10
CA CYS B 194 2.67 -10.54 -3.90
C CYS B 194 3.32 -9.34 -4.61
N GLN B 195 4.33 -9.58 -5.38
CA GLN B 195 5.09 -8.56 -6.13
C GLN B 195 4.12 -7.73 -6.96
N GLY B 196 4.25 -6.44 -6.89
CA GLY B 196 3.35 -5.54 -7.65
C GLY B 196 2.39 -4.98 -6.59
N ASP B 197 2.28 -5.59 -5.45
CA ASP B 197 1.35 -5.04 -4.41
C ASP B 197 2.09 -4.08 -3.45
N SER B 198 3.40 -4.04 -3.42
CA SER B 198 4.15 -3.12 -2.50
C SER B 198 3.59 -1.70 -2.40
N GLY B 199 3.58 -1.10 -1.25
CA GLY B 199 3.08 0.29 -1.10
C GLY B 199 1.58 0.39 -0.94
N GLY B 200 0.82 -0.61 -1.29
CA GLY B 200 -0.65 -0.48 -1.13
C GLY B 200 -1.04 -0.75 0.32
N PRO B 201 -2.28 -0.60 0.65
CA PRO B 201 -2.74 -0.64 2.05
C PRO B 201 -3.23 -1.98 2.60
N LEU B 202 -3.25 -2.02 3.90
CA LEU B 202 -3.70 -3.15 4.73
C LEU B 202 -4.77 -2.29 5.44
N VAL B 203 -6.05 -2.53 5.31
CA VAL B 203 -7.07 -1.67 6.01
C VAL B 203 -7.82 -2.53 7.02
N CYS B 204 -7.94 -2.05 8.22
CA CYS B 204 -8.64 -2.81 9.30
C CYS B 204 -9.59 -1.85 9.97
N SER B 205 -10.51 -2.26 10.78
CA SER B 205 -11.38 -1.25 11.39
C SER B 205 -10.80 -1.00 12.77
N LEU B 206 -10.58 0.23 13.17
CA LEU B 206 -10.02 0.52 14.52
C LEU B 206 -11.00 1.52 15.07
N GLN B 207 -11.47 1.31 16.26
CA GLN B 207 -12.44 2.22 16.92
C GLN B 207 -13.57 2.63 15.98
N GLY B 208 -14.05 1.80 15.09
CA GLY B 208 -15.16 2.22 14.20
C GLY B 208 -14.73 2.73 12.85
N ARG B 209 -13.48 3.06 12.60
CA ARG B 209 -13.08 3.58 11.25
C ARG B 209 -12.27 2.55 10.50
N MET B 210 -12.17 2.73 9.23
CA MET B 210 -11.43 1.87 8.30
C MET B 210 -10.15 2.61 8.39
N THR B 211 -9.14 2.01 8.91
CA THR B 211 -7.83 2.66 9.05
C THR B 211 -6.74 1.91 8.26
N LEU B 212 -5.75 2.66 7.86
CA LEU B 212 -4.61 2.14 7.09
C LEU B 212 -3.77 1.56 8.24
N THR B 213 -3.78 0.30 8.48
CA THR B 213 -3.00 -0.28 9.59
C THR B 213 -1.59 -0.64 9.05
N GLY B 214 -1.43 -1.12 7.85
CA GLY B 214 -0.06 -1.47 7.34
C GLY B 214 0.12 -1.18 5.83
N ILE B 215 1.33 -1.20 5.36
CA ILE B 215 1.66 -0.92 3.93
C ILE B 215 2.23 -2.23 3.41
N VAL B 216 1.85 -2.74 2.28
CA VAL B 216 2.43 -4.04 1.80
C VAL B 216 3.94 -3.71 1.68
N SER B 217 4.79 -4.48 2.30
CA SER B 217 6.27 -4.28 2.26
C SER B 217 7.05 -5.45 1.65
N TRP B 218 7.00 -6.61 2.25
CA TRP B 218 7.74 -7.79 1.72
C TRP B 218 7.10 -9.11 2.17
N GLY B 219 7.74 -10.22 1.97
CA GLY B 219 7.20 -11.54 2.39
C GLY B 219 8.04 -12.55 1.64
N ARG B 220 8.16 -13.79 2.01
CA ARG B 220 9.01 -14.76 1.24
C ARG B 220 8.00 -15.43 0.33
N GLY B 221 8.19 -15.39 -0.95
CA GLY B 221 7.23 -16.04 -1.89
C GLY B 221 5.89 -15.38 -1.76
N CYS B 222 4.81 -15.99 -2.17
CA CYS B 222 3.49 -15.37 -2.04
C CYS B 222 2.59 -16.46 -1.59
N ALA B 223 1.88 -16.23 -0.52
CA ALA B 223 0.94 -17.19 0.09
C ALA B 223 1.67 -18.49 0.38
N LEU B 224 2.86 -18.45 0.90
CA LEU B 224 3.57 -19.72 1.20
C LEU B 224 3.21 -20.03 2.63
N LYS B 225 3.23 -21.28 2.98
CA LYS B 225 2.88 -21.66 4.37
C LYS B 225 3.94 -21.09 5.31
N ASP B 226 3.53 -20.67 6.46
CA ASP B 226 4.44 -20.08 7.50
C ASP B 226 5.31 -18.99 6.93
N LYS B 227 4.81 -18.25 5.97
CA LYS B 227 5.57 -17.12 5.34
C LYS B 227 4.49 -16.07 5.18
N PRO B 228 4.12 -15.43 6.28
CA PRO B 228 3.12 -14.34 6.29
C PRO B 228 3.58 -13.14 5.44
N GLY B 229 2.73 -12.20 5.15
CA GLY B 229 3.17 -11.05 4.34
C GLY B 229 3.60 -10.10 5.42
N VAL B 230 4.50 -9.21 5.18
CA VAL B 230 4.93 -8.27 6.24
C VAL B 230 4.54 -6.87 5.76
N TYR B 231 4.03 -6.09 6.66
CA TYR B 231 3.59 -4.73 6.36
C TYR B 231 4.24 -3.70 7.30
N THR B 232 4.43 -2.48 6.88
CA THR B 232 5.04 -1.41 7.73
C THR B 232 3.93 -1.10 8.72
N ARG B 233 4.26 -1.08 9.98
CA ARG B 233 3.27 -0.81 11.07
C ARG B 233 3.07 0.66 11.13
N VAL B 234 2.16 1.17 10.36
CA VAL B 234 1.87 2.62 10.33
C VAL B 234 1.67 3.24 11.74
N SER B 235 0.99 2.65 12.68
CA SER B 235 0.81 3.23 14.02
C SER B 235 2.15 3.65 14.63
N HIS B 236 3.26 3.07 14.25
CA HIS B 236 4.57 3.47 14.86
C HIS B 236 5.29 4.49 14.03
N PHE B 237 4.71 4.99 12.97
CA PHE B 237 5.39 6.00 12.12
C PHE B 237 4.65 7.31 12.18
N LEU B 238 3.55 7.38 12.88
CA LEU B 238 2.76 8.65 13.00
C LEU B 238 3.56 9.90 13.29
N PRO B 239 4.53 9.92 14.17
CA PRO B 239 5.47 11.06 14.30
C PRO B 239 6.08 11.46 12.93
N TRP B 240 6.77 10.55 12.30
CA TRP B 240 7.41 10.79 10.96
C TRP B 240 6.34 11.37 10.01
N ILE B 241 5.24 10.69 9.82
CA ILE B 241 4.16 11.19 8.91
C ILE B 241 3.88 12.65 9.25
N ARG B 242 3.51 12.92 10.47
CA ARG B 242 3.21 14.33 10.90
C ARG B 242 4.38 15.24 10.50
N SER B 243 5.58 14.96 10.92
CA SER B 243 6.75 15.81 10.57
C SER B 243 6.68 16.34 9.13
N HIS B 244 6.22 15.57 8.19
CA HIS B 244 6.16 16.04 6.78
C HIS B 244 4.77 16.41 6.31
N THR B 245 3.73 16.01 6.95
CA THR B 245 2.36 16.33 6.53
C THR B 245 1.86 17.19 7.67
N LYS B 246 2.25 18.43 7.68
CA LYS B 246 1.84 19.38 8.73
C LYS B 246 1.24 20.52 7.90
C1 CIT C . -3.88 10.14 -19.28
O1 CIT C . -2.86 10.73 -19.00
O2 CIT C . -4.47 9.56 -18.37
C2 CIT C . -4.45 10.09 -20.74
C3 CIT C . -3.90 11.17 -21.83
O7 CIT C . -3.60 12.36 -21.13
C4 CIT C . -4.97 11.56 -22.91
C5 CIT C . -4.42 12.44 -24.05
O3 CIT C . -4.07 11.90 -25.08
O4 CIT C . -4.31 13.66 -23.98
C6 CIT C . -2.57 10.78 -22.44
O5 CIT C . -2.45 9.66 -22.88
O6 CIT C . -1.66 11.60 -22.51
H21 CIT C . -4.28 9.09 -21.11
H22 CIT C . -5.51 10.22 -20.65
HO7 CIT C . -2.77 12.00 -20.77
H41 CIT C . -5.38 10.67 -23.34
H42 CIT C . -5.76 12.10 -22.42
C1 CIT D . -1.85 16.31 -20.43
O1 CIT D . -2.67 15.93 -19.59
O2 CIT D . -2.12 17.31 -21.09
C2 CIT D . -0.52 15.51 -20.60
C3 CIT D . -0.66 14.17 -21.50
O7 CIT D . -1.75 13.49 -20.86
C4 CIT D . 0.50 13.02 -21.53
C5 CIT D . 1.80 13.03 -20.65
O3 CIT D . 1.75 12.52 -19.53
O4 CIT D . 2.86 13.50 -21.05
C6 CIT D . -1.23 14.50 -22.85
O5 CIT D . -1.08 15.66 -23.53
O6 CIT D . -1.88 13.62 -23.33
H21 CIT D . 0.23 16.15 -20.99
H22 CIT D . -0.23 15.20 -19.61
HO7 CIT D . -1.41 13.59 -19.96
H41 CIT D . -0.02 12.15 -21.16
H42 CIT D . 0.84 12.74 -22.52
C1 655 E . 5.02 -9.61 -1.03
C2 655 E . 4.44 -8.31 -0.97
C3 655 E . 4.91 -7.26 -1.75
C4 655 E . 6.01 -7.49 -2.52
C5 655 E . 6.61 -8.70 -2.58
C6 655 E . 6.16 -9.76 -1.84
C7 655 E . 4.52 -10.66 -0.27
N1 655 E . 4.86 -11.90 -0.57
N2 655 E . 3.71 -10.42 0.72
N3 655 E . 6.69 -6.74 -3.31
N4 655 E . 7.64 -8.73 -3.39
C8 655 E . 7.62 -7.49 -3.82
C1' 655 E . 8.53 -7.00 -4.71
C2' 655 E . 9.38 -7.86 -5.45
C3' 655 E . 10.30 -7.38 -6.37
C4' 655 E . 10.38 -6.01 -6.59
C5' 655 E . 9.55 -5.13 -5.87
O5' 655 E . 9.56 -3.75 -6.03
C6' 655 E . 8.63 -5.63 -4.97
O6' 655 E . 7.83 -4.69 -4.32
C1B 655 E . 10.78 -1.73 -6.44
C2B 655 E . 10.46 -3.14 -6.96
C3B 655 E . 9.69 -3.00 -8.25
C4B 655 E . 9.60 -1.52 -8.58
C5B 655 E . 10.04 -0.77 -7.35
HC2 655 E . 3.57 -8.14 -0.37
HC3 655 E . 4.45 -6.27 -1.73
HC6 655 E . 6.66 -10.72 -1.92
HH11 655 E . 5.46 -12.08 -1.35
HH12 655 E . 4.54 -12.72 -0.09
HH21 655 E . 3.41 -9.48 0.91
HH22 655 E . 3.26 -11.13 1.25
HN3 655 E . 6.57 -5.80 -3.56
HC2' 655 E . 9.33 -8.93 -5.29
HC3' 655 E . 10.95 -8.04 -6.92
HC4' 655 E . 11.10 -5.66 -7.30
H1A 655 E . 10.47 -1.61 -5.41
H1B 655 E . 11.85 -1.56 -6.51
H2A 655 E . 11.38 -3.71 -7.06
H3A 655 E . 10.24 -3.50 -9.02
H3B 655 E . 8.70 -3.43 -8.16
H4A 655 E . 8.58 -1.25 -8.84
H4B 655 E . 10.25 -1.29 -9.41
H5A 655 E . 9.16 -0.39 -6.84
H5B 655 E . 10.68 0.06 -7.62
#